data_8SKJ
#
_entry.id   8SKJ
#
_cell.length_a   45.430
_cell.length_b   45.430
_cell.length_c   70.600
_cell.angle_alpha   90.000
_cell.angle_beta   90.010
_cell.angle_gamma   97.940
#
_symmetry.space_group_name_H-M   'P 1'
#
loop_
_entity.id
_entity.type
_entity.pdbx_description
1 polymer NbA1
2 polymer 'V5 Epitope Tag Peptide'
3 water water
#
loop_
_entity_poly.entity_id
_entity_poly.type
_entity_poly.pdbx_seq_one_letter_code
_entity_poly.pdbx_strand_id
1 'polypeptide(L)'
;MAEVQLQASGGGFVQPGGSLRLSCAASGTTSFGDTMGWFRQAPGKEREFVSAISRQGDDSHYYADSVKGRFTISRDNSKN
TVYLQMNSLRAEDTATYYCAEWMNTRREFITPYWGQGTQVTVSSLEHHHHHH
;
A,B,D,G
2 'polypeptide(L)' GKPIPNPLLGLDST E,C,F,H
#
# COMPACT_ATOMS: atom_id res chain seq x y z
N VAL A 4 -13.29 30.57 14.97
CA VAL A 4 -14.37 30.07 14.12
C VAL A 4 -15.02 28.87 14.79
N GLN A 5 -16.28 29.03 15.21
CA GLN A 5 -17.01 27.99 15.93
C GLN A 5 -17.88 27.21 14.94
N LEU A 6 -17.32 26.09 14.44
CA LEU A 6 -17.97 25.24 13.44
C LEU A 6 -17.73 23.78 13.83
N GLN A 7 -18.24 23.39 14.98
CA GLN A 7 -17.91 22.09 15.53
C GLN A 7 -18.60 20.97 14.76
N ALA A 8 -17.82 19.99 14.31
CA ALA A 8 -18.38 18.76 13.75
C ALA A 8 -18.59 17.74 14.86
N SER A 9 -19.70 17.01 14.78
CA SER A 9 -20.00 15.94 15.72
C SER A 9 -20.69 14.79 14.97
N GLY A 10 -20.91 13.69 15.69
CA GLY A 10 -21.55 12.51 15.13
C GLY A 10 -20.60 11.37 14.79
N GLY A 11 -19.29 11.57 14.94
CA GLY A 11 -18.35 10.52 14.63
C GLY A 11 -18.37 9.38 15.64
N GLY A 12 -17.70 8.30 15.28
CA GLY A 12 -17.59 7.16 16.16
C GLY A 12 -17.04 5.96 15.40
N PHE A 13 -17.15 4.80 16.06
CA PHE A 13 -16.83 3.51 15.46
C PHE A 13 -18.05 2.97 14.74
N VAL A 14 -17.86 2.48 13.51
CA VAL A 14 -18.94 1.86 12.76
C VAL A 14 -18.40 0.66 11.97
N GLN A 15 -19.27 -0.36 11.78
CA GLN A 15 -18.92 -1.52 10.98
C GLN A 15 -19.15 -1.25 9.50
N PRO A 16 -18.41 -1.91 8.61
CA PRO A 16 -18.63 -1.71 7.17
C PRO A 16 -20.08 -2.00 6.78
N GLY A 17 -20.60 -1.16 5.89
CA GLY A 17 -22.00 -1.18 5.53
C GLY A 17 -22.87 -0.28 6.38
N GLY A 18 -22.41 0.11 7.56
CA GLY A 18 -23.20 0.94 8.45
C GLY A 18 -23.35 2.35 7.92
N SER A 19 -24.16 3.14 8.64
CA SER A 19 -24.35 4.55 8.32
C SER A 19 -23.99 5.41 9.52
N LEU A 20 -23.67 6.67 9.23
CA LEU A 20 -23.46 7.67 10.26
C LEU A 20 -24.08 8.97 9.77
N ARG A 21 -24.57 9.78 10.70
CA ARG A 21 -25.05 11.10 10.39
C ARG A 21 -24.19 12.11 11.11
N LEU A 22 -23.37 12.84 10.37
CA LEU A 22 -22.53 13.88 10.98
C LEU A 22 -23.26 15.21 10.98
N SER A 23 -22.87 16.08 11.92
CA SER A 23 -23.49 17.39 12.12
C SER A 23 -22.42 18.47 12.09
N CYS A 24 -22.80 19.63 11.57
CA CYS A 24 -21.90 20.74 11.37
C CYS A 24 -22.67 22.00 11.76
N ALA A 25 -22.47 22.49 12.99
CA ALA A 25 -23.31 23.53 13.57
C ALA A 25 -22.68 24.90 13.37
N ALA A 26 -23.30 25.72 12.52
CA ALA A 26 -22.75 27.03 12.20
C ALA A 26 -23.07 28.03 13.30
N SER A 27 -22.59 29.26 13.13
CA SER A 27 -22.68 30.25 14.21
C SER A 27 -24.12 30.69 14.46
N GLY A 28 -24.84 31.09 13.40
CA GLY A 28 -26.07 31.82 13.58
C GLY A 28 -25.90 33.29 13.91
N THR A 29 -24.73 33.67 14.45
CA THR A 29 -24.36 35.06 14.72
C THR A 29 -23.50 35.65 13.61
N THR A 30 -22.63 34.83 13.01
CA THR A 30 -21.68 35.25 12.00
C THR A 30 -21.73 34.26 10.84
N SER A 31 -21.67 34.78 9.61
CA SER A 31 -21.64 33.94 8.43
C SER A 31 -20.41 34.25 7.59
N PHE A 32 -19.67 33.19 7.22
CA PHE A 32 -18.39 33.32 6.57
C PHE A 32 -18.39 33.23 5.03
N GLY A 33 -19.47 32.83 4.34
CA GLY A 33 -20.77 32.28 4.63
C GLY A 33 -21.77 31.74 3.61
N ASP A 34 -21.51 31.71 2.29
CA ASP A 34 -22.53 31.20 1.36
C ASP A 34 -22.39 29.70 1.04
N THR A 35 -21.26 29.08 1.37
CA THR A 35 -21.03 27.68 1.06
C THR A 35 -20.50 26.96 2.29
N MET A 36 -21.04 25.78 2.57
CA MET A 36 -20.55 24.91 3.63
C MET A 36 -20.15 23.58 3.01
N GLY A 37 -18.93 23.14 3.27
CA GLY A 37 -18.46 21.88 2.73
C GLY A 37 -17.90 20.98 3.82
N TRP A 38 -17.91 19.69 3.52
CA TRP A 38 -17.29 18.67 4.36
C TRP A 38 -16.01 18.20 3.69
N PHE A 39 -14.95 18.09 4.48
CA PHE A 39 -13.67 17.55 4.06
C PHE A 39 -13.33 16.39 4.98
N ARG A 40 -12.39 15.54 4.55
CA ARG A 40 -11.94 14.50 5.45
C ARG A 40 -10.43 14.34 5.31
N GLN A 41 -9.82 13.89 6.41
CA GLN A 41 -8.38 13.74 6.49
C GLN A 41 -8.05 12.49 7.29
N ALA A 42 -7.41 11.54 6.64
CA ALA A 42 -6.97 10.30 7.23
C ALA A 42 -5.46 10.35 7.46
N PRO A 43 -4.96 9.67 8.48
CA PRO A 43 -3.51 9.68 8.75
C PRO A 43 -2.71 9.30 7.51
N GLY A 44 -1.74 10.14 7.16
CA GLY A 44 -0.85 9.84 6.05
C GLY A 44 -1.41 10.11 4.67
N LYS A 45 -2.67 10.52 4.55
CA LYS A 45 -3.28 10.81 3.26
C LYS A 45 -3.45 12.31 3.08
N GLU A 46 -3.77 12.72 1.86
CA GLU A 46 -4.07 14.12 1.59
C GLU A 46 -5.50 14.44 2.01
N ARG A 47 -5.73 15.69 2.38
CA ARG A 47 -7.09 16.12 2.65
C ARG A 47 -7.95 15.88 1.42
N GLU A 48 -9.17 15.41 1.62
CA GLU A 48 -10.07 15.09 0.55
C GLU A 48 -11.38 15.83 0.75
N PHE A 49 -11.79 16.60 -0.27
CA PHE A 49 -13.13 17.19 -0.28
C PHE A 49 -14.16 16.07 -0.38
N VAL A 50 -15.26 16.20 0.38
CA VAL A 50 -16.34 15.21 0.42
C VAL A 50 -17.61 15.74 -0.26
N SER A 51 -18.12 16.89 0.18
CA SER A 51 -19.45 17.35 -0.21
C SER A 51 -19.62 18.81 0.22
N ALA A 52 -20.52 19.51 -0.46
CA ALA A 52 -20.79 20.89 -0.12
C ALA A 52 -22.22 21.24 -0.46
N ILE A 53 -22.76 22.22 0.26
CA ILE A 53 -24.07 22.80 -0.02
C ILE A 53 -23.89 24.31 -0.13
N SER A 54 -24.40 24.89 -1.20
CA SER A 54 -24.11 26.27 -1.56
C SER A 54 -25.42 26.95 -1.93
N ARG A 55 -25.65 28.12 -1.36
CA ARG A 55 -26.92 28.83 -1.52
C ARG A 55 -26.87 29.74 -2.74
N GLN A 56 -27.64 29.37 -3.76
CA GLN A 56 -28.07 30.28 -4.83
C GLN A 56 -29.43 29.82 -5.35
N ASP A 58 -30.29 29.35 -4.45
CA ASP A 58 -31.01 28.06 -4.54
C ASP A 58 -30.03 26.99 -4.08
N ASP A 59 -30.46 26.04 -3.25
CA ASP A 59 -29.52 25.10 -2.63
C ASP A 59 -28.91 24.16 -3.67
N SER A 60 -27.59 24.26 -3.86
CA SER A 60 -26.85 23.38 -4.76
C SER A 60 -26.03 22.39 -3.93
N HIS A 61 -26.07 21.11 -4.30
CA HIS A 61 -25.37 20.05 -3.61
C HIS A 61 -24.25 19.49 -4.48
N TYR A 62 -23.06 19.37 -3.90
CA TYR A 62 -21.90 18.86 -4.60
C TYR A 62 -21.36 17.64 -3.87
N TYR A 63 -20.89 16.65 -4.62
CA TYR A 63 -20.30 15.45 -4.05
C TYR A 63 -19.03 15.07 -4.78
N ALA A 64 -18.03 14.63 -4.03
CA ALA A 64 -16.87 14.03 -4.67
C ALA A 64 -17.29 12.73 -5.34
N ASP A 65 -16.61 12.38 -6.43
CA ASP A 65 -16.95 11.12 -7.11
C ASP A 65 -16.83 9.92 -6.17
N SER A 66 -15.92 9.97 -5.20
CA SER A 66 -15.69 8.82 -4.33
C SER A 66 -16.80 8.60 -3.30
N VAL A 67 -17.74 9.52 -3.16
CA VAL A 67 -18.83 9.35 -2.17
C VAL A 67 -20.18 9.54 -2.84
N LYS A 68 -20.19 9.94 -4.12
CA LYS A 68 -21.44 10.16 -4.83
C LYS A 68 -22.34 8.93 -4.75
N GLY A 69 -23.63 9.18 -4.50
CA GLY A 69 -24.61 8.12 -4.35
C GLY A 69 -24.67 7.49 -2.97
N ARG A 70 -23.60 7.56 -2.18
CA ARG A 70 -23.56 7.00 -0.85
C ARG A 70 -23.79 8.03 0.25
N PHE A 71 -23.40 9.28 0.02
CA PHE A 71 -23.50 10.36 0.99
C PHE A 71 -24.59 11.35 0.57
N THR A 72 -25.16 12.03 1.55
CA THR A 72 -26.17 13.06 1.33
C THR A 72 -25.87 14.23 2.25
N ILE A 73 -25.80 15.44 1.68
CA ILE A 73 -25.64 16.64 2.47
C ILE A 73 -26.98 17.37 2.52
N SER A 74 -27.28 18.00 3.65
CA SER A 74 -28.54 18.72 3.81
C SER A 74 -28.37 19.77 4.88
N ARG A 75 -29.35 20.68 4.98
CA ARG A 75 -29.33 21.73 6.00
C ARG A 75 -30.64 21.74 6.77
N ASP A 76 -30.57 22.03 8.07
CA ASP A 76 -31.79 22.20 8.84
C ASP A 76 -32.27 23.64 8.82
N ASN A 77 -31.35 24.59 8.80
CA ASN A 77 -31.65 26.02 8.69
C ASN A 77 -32.17 26.58 10.02
N SER A 78 -33.24 25.97 10.55
CA SER A 78 -33.79 26.42 11.82
C SER A 78 -32.76 26.31 12.95
N LYS A 79 -31.81 25.37 12.81
CA LYS A 79 -30.76 25.15 13.78
C LYS A 79 -29.37 25.56 13.27
N ASN A 80 -29.29 26.22 12.12
CA ASN A 80 -28.01 26.65 11.53
C ASN A 80 -27.01 25.50 11.46
N THR A 81 -27.47 24.36 10.97
CA THR A 81 -26.66 23.17 10.96
C THR A 81 -26.72 22.49 9.60
N VAL A 82 -25.56 21.98 9.18
CA VAL A 82 -25.43 21.22 7.94
C VAL A 82 -25.14 19.78 8.32
N TYR A 83 -25.85 18.84 7.71
CA TYR A 83 -25.69 17.42 8.01
C TYR A 83 -25.00 16.71 6.87
N LEU A 84 -24.25 15.65 7.21
CA LEU A 84 -23.69 14.75 6.21
C LEU A 84 -24.07 13.33 6.61
N GLN A 85 -24.98 12.74 5.88
CA GLN A 85 -25.32 11.35 6.12
C GLN A 85 -24.44 10.49 5.22
N MET A 86 -23.76 9.53 5.83
CA MET A 86 -22.83 8.66 5.12
C MET A 86 -23.39 7.25 5.22
N ASN A 87 -23.65 6.63 4.07
CA ASN A 87 -24.25 5.32 4.00
C ASN A 87 -23.26 4.35 3.38
N SER A 88 -23.48 3.06 3.66
CA SER A 88 -22.66 1.98 3.12
C SER A 88 -21.17 2.29 3.28
N LEU A 89 -20.79 2.68 4.50
CA LEU A 89 -19.40 3.03 4.79
C LEU A 89 -18.46 1.86 4.55
N ARG A 90 -17.23 2.21 4.20
CA ARG A 90 -16.18 1.22 3.95
C ARG A 90 -14.92 1.64 4.69
N ALA A 91 -14.00 0.68 4.83
CA ALA A 91 -12.75 0.94 5.56
C ALA A 91 -12.03 2.18 5.06
N GLU A 92 -12.11 2.46 3.76
CA GLU A 92 -11.40 3.62 3.22
C GLU A 92 -12.06 4.95 3.57
N ASP A 93 -13.25 4.95 4.16
CA ASP A 93 -13.87 6.19 4.62
C ASP A 93 -13.40 6.60 6.02
N THR A 94 -12.57 5.79 6.66
CA THR A 94 -12.01 6.14 7.95
C THR A 94 -11.21 7.44 7.82
N ALA A 95 -11.48 8.39 8.71
CA ALA A 95 -10.81 9.68 8.67
C ALA A 95 -11.41 10.59 9.74
N THR A 96 -10.73 11.70 9.98
CA THR A 96 -11.37 12.83 10.65
C THR A 96 -12.16 13.63 9.63
N TYR A 97 -13.40 13.96 9.97
CA TYR A 97 -14.27 14.73 9.09
C TYR A 97 -14.46 16.11 9.70
N TYR A 98 -14.36 17.16 8.88
CA TYR A 98 -14.54 18.51 9.39
C TYR A 98 -15.19 19.38 8.34
N CYS A 99 -15.75 20.49 8.82
CA CYS A 99 -16.43 21.45 7.98
C CYS A 99 -15.58 22.68 7.74
N ALA A 100 -15.88 23.35 6.63
CA ALA A 100 -15.46 24.72 6.38
C ALA A 100 -16.63 25.49 5.81
N GLU A 101 -16.72 26.77 6.16
CA GLU A 101 -17.64 27.70 5.51
C GLU A 101 -16.83 28.66 4.66
N TRP A 102 -17.33 29.00 3.48
CA TRP A 102 -16.61 29.94 2.63
C TRP A 102 -17.59 30.59 1.67
N MET A 103 -17.11 31.64 1.01
CA MET A 103 -17.84 32.30 -0.07
C MET A 103 -17.39 31.67 -1.39
N ASN A 104 -18.33 31.05 -2.09
CA ASN A 104 -18.02 30.41 -3.36
C ASN A 104 -17.41 31.43 -4.31
N THR A 105 -16.17 31.20 -4.74
CA THR A 105 -15.47 32.17 -5.60
C THR A 105 -15.65 31.92 -7.08
N ARG A 106 -16.00 30.69 -7.48
CA ARG A 106 -16.01 30.27 -8.87
C ARG A 106 -14.66 30.56 -9.53
N ARG A 107 -13.60 30.55 -8.72
CA ARG A 107 -12.24 30.85 -9.16
C ARG A 107 -11.28 29.78 -8.68
N GLU A 108 -9.97 30.02 -8.84
CA GLU A 108 -8.98 28.98 -8.58
C GLU A 108 -8.96 28.58 -7.11
N PHE A 109 -8.98 29.57 -6.21
CA PHE A 109 -8.90 29.34 -4.78
C PHE A 109 -10.14 29.85 -4.08
N ILE A 110 -10.35 29.33 -2.86
CA ILE A 110 -11.36 29.80 -1.91
C ILE A 110 -10.62 30.15 -0.63
N THR A 111 -11.26 30.94 0.23
CA THR A 111 -10.75 31.15 1.57
C THR A 111 -11.60 30.37 2.56
N PRO A 112 -11.15 29.22 3.03
CA PRO A 112 -11.97 28.44 3.95
C PRO A 112 -11.86 28.98 5.37
N TYR A 113 -12.96 28.88 6.10
CA TYR A 113 -12.98 29.10 7.54
C TYR A 113 -13.35 27.77 8.19
N TRP A 114 -12.39 27.20 8.93
CA TRP A 114 -12.38 25.79 9.31
C TRP A 114 -13.04 25.55 10.67
N GLY A 115 -13.79 24.46 10.78
CA GLY A 115 -14.25 23.97 12.06
C GLY A 115 -13.38 22.83 12.58
N GLN A 116 -13.74 22.33 13.75
CA GLN A 116 -12.98 21.22 14.32
C GLN A 116 -13.59 19.87 13.93
N GLY A 117 -12.74 18.84 13.92
CA GLY A 117 -13.11 17.58 13.30
C GLY A 117 -13.78 16.61 14.25
N THR A 118 -14.46 15.62 13.66
CA THR A 118 -14.97 14.47 14.41
C THR A 118 -14.43 13.22 13.74
N GLN A 119 -14.09 12.22 14.54
CA GLN A 119 -13.40 11.03 14.06
C GLN A 119 -14.38 9.94 13.64
N VAL A 120 -14.16 9.37 12.46
CA VAL A 120 -14.97 8.27 11.93
C VAL A 120 -14.04 7.10 11.63
N THR A 121 -14.28 5.97 12.29
CA THR A 121 -13.44 4.78 12.12
C THR A 121 -14.33 3.61 11.69
N VAL A 122 -14.17 3.16 10.46
CA VAL A 122 -14.95 2.05 9.91
C VAL A 122 -14.10 0.79 10.05
N SER A 123 -14.50 -0.12 10.95
CA SER A 123 -13.71 -1.32 11.19
C SER A 123 -14.63 -2.45 11.64
N SER A 124 -14.05 -3.64 11.77
CA SER A 124 -14.80 -4.82 12.17
C SER A 124 -14.90 -4.99 13.68
N GLY B 1 -8.95 30.82 7.14
CA GLY B 1 -7.68 30.15 6.98
C GLY B 1 -7.01 30.54 5.68
N LYS B 2 -5.81 30.02 5.46
CA LYS B 2 -5.10 30.29 4.22
C LYS B 2 -5.88 29.76 3.02
N PRO B 3 -5.70 30.35 1.85
CA PRO B 3 -6.47 29.91 0.68
C PRO B 3 -6.11 28.48 0.27
N ILE B 4 -7.10 27.77 -0.26
CA ILE B 4 -6.89 26.42 -0.77
C ILE B 4 -7.57 26.31 -2.14
N PRO B 5 -7.20 25.31 -2.95
CA PRO B 5 -7.87 25.13 -4.24
C PRO B 5 -9.38 25.04 -4.05
N ASN B 6 -10.10 25.67 -4.97
CA ASN B 6 -11.57 25.65 -4.96
C ASN B 6 -12.08 24.24 -5.23
N PRO B 7 -12.73 23.57 -4.27
CA PRO B 7 -13.07 22.15 -4.45
C PRO B 7 -14.28 21.94 -5.34
N LEU B 8 -15.03 22.99 -5.68
CA LEU B 8 -16.21 22.82 -6.50
C LEU B 8 -15.93 22.85 -8.00
N LEU B 9 -14.70 23.17 -8.42
CA LEU B 9 -14.39 23.18 -9.85
C LEU B 9 -14.47 21.77 -10.45
N GLY B 10 -15.14 21.66 -11.59
CA GLY B 10 -15.27 20.42 -12.30
C GLY B 10 -16.38 19.52 -11.80
N LEU B 11 -17.06 19.88 -10.71
CA LEU B 11 -18.13 19.07 -10.16
C LEU B 11 -19.49 19.58 -10.64
N ASP B 12 -20.38 18.64 -10.95
CA ASP B 12 -21.78 18.97 -11.18
C ASP B 12 -22.46 19.18 -9.85
N SER B 13 -23.53 19.99 -9.88
CA SER B 13 -24.37 20.19 -8.71
C SER B 13 -25.75 19.63 -8.99
N THR B 14 -26.47 19.31 -7.92
CA THR B 14 -27.87 18.91 -8.02
C THR B 14 -28.69 19.63 -6.96
N VAL C 4 -4.69 -1.88 11.38
CA VAL C 4 -3.70 -1.63 12.43
C VAL C 4 -4.39 -0.99 13.63
N GLN C 5 -4.47 -1.73 14.73
CA GLN C 5 -5.17 -1.30 15.94
C GLN C 5 -4.19 -0.52 16.79
N LEU C 6 -4.27 0.81 16.74
CA LEU C 6 -3.34 1.69 17.44
C LEU C 6 -4.09 2.97 17.82
N GLN C 7 -5.15 2.80 18.60
CA GLN C 7 -6.07 3.89 18.84
C GLN C 7 -5.45 4.94 19.75
N ALA C 8 -5.65 6.21 19.40
CA ALA C 8 -5.29 7.30 20.30
C ALA C 8 -6.51 7.71 21.13
N SER C 9 -6.27 8.05 22.39
CA SER C 9 -7.32 8.51 23.29
CA SER C 9 -7.31 8.50 23.30
C SER C 9 -6.79 9.67 24.13
N GLY C 10 -7.70 10.33 24.84
CA GLY C 10 -7.34 11.40 25.75
C GLY C 10 -7.59 12.81 25.23
N GLY C 11 -8.06 12.96 24.00
CA GLY C 11 -8.33 14.27 23.46
C GLY C 11 -9.59 14.88 24.05
N GLY C 12 -9.77 16.17 23.80
CA GLY C 12 -10.94 16.88 24.27
C GLY C 12 -10.76 18.38 24.11
N PHE C 13 -11.63 19.12 24.78
CA PHE C 13 -11.53 20.58 24.83
C PHE C 13 -10.64 20.98 25.99
N VAL C 14 -9.84 22.03 25.78
CA VAL C 14 -8.95 22.51 26.83
C VAL C 14 -8.71 24.01 26.64
N GLN C 15 -8.61 24.73 27.75
CA GLN C 15 -8.33 26.16 27.71
C GLN C 15 -6.83 26.40 27.56
N PRO C 16 -6.44 27.54 26.99
CA PRO C 16 -5.01 27.82 26.83
C PRO C 16 -4.29 27.78 28.17
N GLY C 17 -3.10 27.21 28.17
CA GLY C 17 -2.35 26.96 29.37
C GLY C 17 -2.61 25.61 29.99
N GLY C 18 -3.70 24.94 29.62
CA GLY C 18 -4.03 23.66 30.18
C GLY C 18 -3.07 22.57 29.74
N SER C 19 -3.25 21.40 30.33
CA SER C 19 -2.50 20.21 29.97
C SER C 19 -3.46 19.11 29.52
N LEU C 20 -2.96 18.23 28.66
CA LEU C 20 -3.65 16.99 28.36
C LEU C 20 -2.63 15.86 28.39
N ARG C 21 -3.14 14.64 28.58
CA ARG C 21 -2.32 13.44 28.51
C ARG C 21 -2.97 12.51 27.50
N LEU C 22 -2.35 12.38 26.32
CA LEU C 22 -2.82 11.46 25.29
C LEU C 22 -2.15 10.11 25.47
N SER C 23 -2.81 9.07 24.93
CA SER C 23 -2.27 7.72 25.00
C SER C 23 -2.51 7.03 23.66
N CYS C 24 -1.54 6.19 23.28
CA CYS C 24 -1.62 5.42 22.04
C CYS C 24 -1.29 3.99 22.41
N ALA C 25 -2.31 3.12 22.45
CA ALA C 25 -2.19 1.77 22.97
C ALA C 25 -1.84 0.80 21.84
N ALA C 26 -0.65 0.21 21.91
CA ALA C 26 -0.17 -0.68 20.85
C ALA C 26 -0.83 -2.05 20.97
N SER C 27 -0.34 -3.03 20.20
CA SER C 27 -0.99 -4.33 20.09
C SER C 27 -0.76 -5.21 21.32
N GLY C 28 0.49 -5.43 21.69
CA GLY C 28 0.78 -6.52 22.62
C GLY C 28 0.88 -7.86 21.91
N THR C 29 0.27 -7.95 20.73
CA THR C 29 0.29 -9.14 19.87
C THR C 29 1.22 -9.00 18.67
N THR C 30 1.32 -7.81 18.09
CA THR C 30 2.12 -7.55 16.90
C THR C 30 2.94 -6.28 17.11
N SER C 31 4.13 -6.23 16.53
CA SER C 31 4.97 -5.03 16.60
C SER C 31 5.45 -4.64 15.21
N PHE C 32 5.36 -3.34 14.91
CA PHE C 32 5.48 -2.84 13.54
C PHE C 32 6.77 -2.10 13.17
N GLY C 33 7.69 -1.76 14.08
CA GLY C 33 8.16 -2.18 15.37
C GLY C 33 8.94 -1.35 16.37
N ASP C 34 10.14 -0.76 16.10
CA ASP C 34 10.92 -0.24 17.24
C ASP C 34 10.65 1.22 17.60
N THR C 35 9.85 1.93 16.82
CA THR C 35 9.64 3.35 17.07
C THR C 35 8.14 3.66 17.09
N MET C 36 7.73 4.44 18.07
CA MET C 36 6.37 4.97 18.13
C MET C 36 6.45 6.48 18.09
N GLY C 37 5.64 7.09 17.24
CA GLY C 37 5.65 8.54 17.10
C GLY C 37 4.25 9.12 17.10
N TRP C 38 4.16 10.35 17.59
CA TRP C 38 2.93 11.14 17.56
C TRP C 38 3.03 12.15 16.45
N PHE C 39 1.98 12.25 15.65
CA PHE C 39 1.82 13.27 14.62
C PHE C 39 0.55 14.04 14.90
N ARG C 40 0.40 15.20 14.28
CA ARG C 40 -0.85 15.92 14.41
C ARG C 40 -1.23 16.56 13.09
N GLN C 41 -2.54 16.70 12.90
CA GLN C 41 -3.10 17.22 11.66
C GLN C 41 -4.24 18.17 11.98
N ALA C 42 -4.07 19.43 11.61
CA ALA C 42 -5.09 20.45 11.77
C ALA C 42 -5.76 20.74 10.44
N PRO C 43 -7.03 21.13 10.43
CA PRO C 43 -7.71 21.42 9.15
C PRO C 43 -6.94 22.50 8.39
N GLY C 44 -6.64 22.21 7.13
CA GLY C 44 -5.95 23.17 6.27
C GLY C 44 -4.46 23.31 6.50
N LYS C 45 -3.85 22.43 7.31
CA LYS C 45 -2.42 22.48 7.54
C LYS C 45 -1.80 21.15 7.09
N GLU C 46 -0.47 21.15 6.97
CA GLU C 46 0.25 19.93 6.68
C GLU C 46 0.37 19.09 7.94
N ARG C 47 0.40 17.77 7.77
CA ARG C 47 0.71 16.89 8.90
C ARG C 47 2.01 17.35 9.53
N GLU C 48 2.06 17.35 10.85
CA GLU C 48 3.22 17.80 11.61
C GLU C 48 3.65 16.70 12.58
N PHE C 49 4.92 16.29 12.49
CA PHE C 49 5.49 15.39 13.48
C PHE C 49 5.61 16.10 14.81
N VAL C 50 5.27 15.39 15.90
CA VAL C 50 5.29 15.94 17.27
C VAL C 50 6.45 15.38 18.09
N SER C 51 6.51 14.06 18.24
CA SER C 51 7.40 13.42 19.20
C SER C 51 7.46 11.92 18.91
N ALA C 52 8.56 11.29 19.33
CA ALA C 52 8.73 9.87 19.10
C ALA C 52 9.57 9.28 20.21
N ILE C 53 9.34 8.00 20.47
CA ILE C 53 10.15 7.19 21.38
C ILE C 53 10.63 5.98 20.59
N SER C 54 11.93 5.72 20.65
CA SER C 54 12.57 4.70 19.83
C SER C 54 13.40 3.82 20.75
N ARG C 55 13.19 2.50 20.67
CA ARG C 55 13.79 1.60 21.63
C ARG C 55 15.30 1.47 21.41
N GLN C 56 15.71 0.98 20.24
CA GLN C 56 17.13 0.88 19.89
C GLN C 56 17.93 0.08 20.93
N ASP C 58 18.06 1.11 24.44
CA ASP C 58 17.74 2.15 25.42
C ASP C 58 16.88 3.27 24.81
N ASP C 59 15.87 3.72 25.54
CA ASP C 59 14.84 4.61 25.00
C ASP C 59 15.40 5.98 24.60
N SER C 60 15.23 6.34 23.33
CA SER C 60 15.56 7.68 22.82
C SER C 60 14.27 8.46 22.59
N HIS C 61 14.24 9.71 23.06
CA HIS C 61 13.09 10.59 22.95
C HIS C 61 13.37 11.71 21.97
N TYR C 62 12.43 11.94 21.04
CA TYR C 62 12.55 12.97 20.03
C TYR C 62 11.37 13.92 20.13
N TYR C 63 11.63 15.21 19.86
CA TYR C 63 10.60 16.24 19.91
C TYR C 63 10.79 17.23 18.77
N ALA C 64 9.68 17.61 18.15
CA ALA C 64 9.69 18.73 17.23
C ALA C 64 10.10 20.00 17.98
N ASP C 65 10.77 20.92 17.28
CA ASP C 65 11.14 22.18 17.90
C ASP C 65 9.92 22.94 18.38
N SER C 66 8.78 22.78 17.70
CA SER C 66 7.57 23.51 18.07
C SER C 66 6.95 23.05 19.39
N VAL C 67 7.38 21.91 19.94
CA VAL C 67 6.77 21.39 21.16
C VAL C 67 7.83 21.08 22.22
N LYS C 68 9.10 21.14 21.83
CA LYS C 68 10.21 20.89 22.75
C LYS C 68 10.03 21.65 24.07
N GLY C 69 10.21 20.93 25.19
CA GLY C 69 10.11 21.52 26.51
C GLY C 69 8.69 21.63 27.05
N ARG C 70 7.68 21.58 26.19
CA ARG C 70 6.28 21.59 26.63
C ARG C 70 5.65 20.22 26.64
N PHE C 71 6.12 19.31 25.80
CA PHE C 71 5.58 17.97 25.64
C PHE C 71 6.57 16.92 26.14
N THR C 72 6.04 15.84 26.72
CA THR C 72 6.81 14.70 27.17
C THR C 72 6.20 13.43 26.60
N ILE C 73 7.03 12.60 25.98
CA ILE C 73 6.61 11.27 25.54
C ILE C 73 7.18 10.23 26.50
N SER C 74 6.42 9.17 26.76
CA SER C 74 6.86 8.13 27.69
C SER C 74 6.10 6.86 27.37
N ARG C 75 6.55 5.76 27.96
CA ARG C 75 5.97 4.46 27.68
C ARG C 75 5.67 3.70 28.96
N ASP C 76 4.63 2.89 28.91
CA ASP C 76 4.33 1.91 29.95
C ASP C 76 4.32 0.57 29.26
N ASN C 77 5.48 -0.10 29.22
CA ASN C 77 5.55 -1.36 28.47
C ASN C 77 4.60 -2.40 29.05
N SER C 78 4.38 -2.38 30.37
CA SER C 78 3.46 -3.33 31.00
C SER C 78 2.06 -3.25 30.41
N LYS C 79 1.68 -2.10 29.84
CA LYS C 79 0.39 -1.93 29.18
C LYS C 79 0.52 -1.68 27.68
N ASN C 80 1.71 -1.87 27.10
CA ASN C 80 1.96 -1.62 25.67
C ASN C 80 1.38 -0.28 25.21
N THR C 81 1.61 0.76 26.00
CA THR C 81 1.05 2.07 25.70
C THR C 81 2.13 3.15 25.74
N VAL C 82 2.07 4.05 24.77
CA VAL C 82 2.91 5.25 24.70
C VAL C 82 2.03 6.45 25.06
N TYR C 83 2.54 7.31 25.93
CA TYR C 83 1.81 8.50 26.36
C TYR C 83 2.46 9.76 25.77
N LEU C 84 1.63 10.79 25.54
CA LEU C 84 2.13 12.12 25.20
C LEU C 84 1.47 13.11 26.14
N GLN C 85 2.22 13.63 27.08
CA GLN C 85 1.73 14.69 27.94
C GLN C 85 2.04 16.02 27.26
N MET C 86 1.02 16.85 27.13
CA MET C 86 1.07 18.13 26.45
C MET C 86 0.75 19.21 27.46
N ASN C 87 1.73 20.04 27.77
CA ASN C 87 1.60 21.11 28.76
C ASN C 87 1.59 22.47 28.09
N SER C 88 1.08 23.44 28.84
CA SER C 88 1.02 24.84 28.40
C SER C 88 0.50 24.94 26.97
N LEU C 89 -0.66 24.33 26.75
CA LEU C 89 -1.24 24.24 25.42
C LEU C 89 -1.67 25.60 24.90
N ARG C 90 -1.58 25.78 23.58
CA ARG C 90 -1.93 27.03 22.93
C ARG C 90 -2.89 26.78 21.77
N ALA C 91 -3.54 27.86 21.33
CA ALA C 91 -4.50 27.76 20.23
C ALA C 91 -3.93 26.99 19.05
N GLU C 92 -2.67 27.22 18.72
CA GLU C 92 -2.09 26.59 17.53
C GLU C 92 -1.78 25.11 17.71
N ASP C 93 -1.97 24.54 18.90
CA ASP C 93 -1.83 23.10 19.09
C ASP C 93 -3.11 22.33 18.76
N THR C 94 -4.20 23.03 18.43
CA THR C 94 -5.43 22.38 18.04
C THR C 94 -5.19 21.53 16.80
N ALA C 95 -5.65 20.27 16.84
CA ALA C 95 -5.41 19.34 15.75
C ALA C 95 -5.96 17.98 16.17
N THR C 96 -6.09 17.09 15.18
CA THR C 96 -6.22 15.68 15.47
C THR C 96 -4.82 15.10 15.71
N TYR C 97 -4.65 14.38 16.82
CA TYR C 97 -3.38 13.75 17.15
C TYR C 97 -3.50 12.26 16.92
N TYR C 98 -2.48 11.68 16.29
CA TYR C 98 -2.51 10.26 16.05
C TYR C 98 -1.10 9.73 16.11
N CYS C 99 -1.02 8.44 16.28
CA CYS C 99 0.23 7.78 16.57
C CYS C 99 0.56 6.84 15.41
N ALA C 100 1.84 6.55 15.22
CA ALA C 100 2.28 5.58 14.23
C ALA C 100 3.43 4.76 14.80
N GLU C 101 3.50 3.48 14.41
CA GLU C 101 4.61 2.61 14.73
C GLU C 101 5.40 2.32 13.47
N TRP C 102 6.73 2.31 13.58
CA TRP C 102 7.55 2.03 12.42
C TRP C 102 8.92 1.50 12.86
N MET C 103 9.63 0.91 11.90
CA MET C 103 11.03 0.53 12.11
C MET C 103 11.90 1.73 11.75
N ASN C 104 12.64 2.24 12.72
CA ASN C 104 13.52 3.38 12.47
C ASN C 104 14.52 3.03 11.37
N THR C 105 14.50 3.76 10.25
CA THR C 105 15.34 3.39 9.12
C THR C 105 16.67 4.13 9.05
N ARG C 106 16.78 5.25 9.76
CA ARG C 106 17.94 6.14 9.63
CA ARG C 106 17.94 6.13 9.64
C ARG C 106 18.19 6.53 8.18
N ARG C 107 17.14 6.52 7.37
CA ARG C 107 17.21 6.80 5.94
C ARG C 107 16.19 7.85 5.54
N GLU C 108 16.01 8.07 4.23
CA GLU C 108 15.19 9.18 3.78
C GLU C 108 13.73 8.98 4.18
N PHE C 109 13.20 7.76 3.99
CA PHE C 109 11.81 7.46 4.26
C PHE C 109 11.67 6.38 5.34
N ILE C 110 10.49 6.34 5.94
CA ILE C 110 10.06 5.28 6.87
C ILE C 110 8.78 4.69 6.31
N THR C 111 8.41 3.51 6.80
CA THR C 111 7.09 2.97 6.50
C THR C 111 6.23 3.07 7.76
N PRO C 112 5.32 4.03 7.84
CA PRO C 112 4.50 4.14 9.04
C PRO C 112 3.34 3.18 8.99
N TYR C 113 2.95 2.71 10.16
CA TYR C 113 1.70 1.96 10.33
C TYR C 113 0.85 2.80 11.28
N TRP C 114 -0.25 3.34 10.75
CA TRP C 114 -0.99 4.43 11.35
C TRP C 114 -2.09 3.94 12.30
N GLY C 115 -2.24 4.64 13.43
CA GLY C 115 -3.41 4.47 14.27
C GLY C 115 -4.48 5.51 13.96
N GLN C 116 -5.57 5.44 14.70
CA GLN C 116 -6.66 6.40 14.54
C GLN C 116 -6.47 7.57 15.50
N GLY C 117 -7.06 8.72 15.14
CA GLY C 117 -6.75 9.96 15.81
C GLY C 117 -7.68 10.31 16.98
N THR C 118 -7.20 11.22 17.83
CA THR C 118 -8.03 11.80 18.86
C THR C 118 -7.94 13.32 18.73
N GLN C 119 -9.07 13.98 18.94
CA GLN C 119 -9.22 15.41 18.68
C GLN C 119 -8.84 16.24 19.90
N VAL C 120 -7.98 17.24 19.68
CA VAL C 120 -7.57 18.19 20.72
C VAL C 120 -7.91 19.60 20.24
N THR C 121 -8.72 20.31 21.01
CA THR C 121 -9.16 21.66 20.67
C THR C 121 -8.84 22.60 21.83
N VAL C 122 -7.90 23.51 21.61
CA VAL C 122 -7.51 24.52 22.60
C VAL C 122 -8.30 25.78 22.28
N SER C 123 -9.22 26.16 23.16
CA SER C 123 -10.06 27.33 22.89
C SER C 123 -10.62 27.87 24.21
N SER C 124 -11.41 28.93 24.10
CA SER C 124 -12.12 29.49 25.25
C SER C 124 -13.62 29.21 25.15
N GLY D 1 1.35 1.71 5.94
CA GLY D 1 0.95 2.81 5.08
C GLY D 1 2.02 3.10 4.08
N LYS D 2 1.73 3.99 3.13
CA LYS D 2 2.73 4.38 2.15
C LYS D 2 3.90 5.08 2.83
N PRO D 3 5.10 5.01 2.25
CA PRO D 3 6.26 5.67 2.87
C PRO D 3 6.05 7.16 3.05
N ILE D 4 6.68 7.71 4.08
CA ILE D 4 6.69 9.16 4.30
C ILE D 4 8.12 9.55 4.70
N PRO D 5 8.46 10.85 4.58
CA PRO D 5 9.78 11.29 5.03
C PRO D 5 10.02 10.89 6.48
N ASN D 6 11.24 10.45 6.75
CA ASN D 6 11.70 10.07 8.08
C ASN D 6 11.71 11.29 8.99
N PRO D 7 10.83 11.34 10.00
CA PRO D 7 10.72 12.57 10.82
C PRO D 7 11.82 12.73 11.84
N LEU D 8 12.65 11.70 12.05
CA LEU D 8 13.72 11.78 13.04
C LEU D 8 14.98 12.43 12.50
N LEU D 9 15.09 12.63 11.18
CA LEU D 9 16.29 13.23 10.61
C LEU D 9 16.48 14.66 11.10
N GLY D 10 17.71 15.00 11.48
CA GLY D 10 18.04 16.32 11.95
C GLY D 10 17.58 16.64 13.35
N LEU D 11 17.03 15.67 14.07
CA LEU D 11 16.54 15.89 15.43
C LEU D 11 17.51 15.24 16.41
N ASP D 12 17.83 15.97 17.47
CA ASP D 12 18.56 15.38 18.58
C ASP D 12 17.60 14.55 19.42
N SER D 13 18.15 13.58 20.14
CA SER D 13 17.39 12.70 20.99
C SER D 13 17.83 12.87 22.43
N THR D 14 16.97 12.45 23.35
CA THR D 14 17.28 12.42 24.77
C THR D 14 16.80 11.11 25.38
N VAL E 4 9.86 1.76 -7.47
CA VAL E 4 11.09 1.16 -6.97
C VAL E 4 11.94 0.60 -8.10
N GLN E 5 13.14 1.15 -8.27
CA GLN E 5 14.06 0.73 -9.33
C GLN E 5 15.06 -0.25 -8.74
N LEU E 6 14.81 -1.55 -8.95
CA LEU E 6 15.61 -2.63 -8.40
C LEU E 6 15.58 -3.81 -9.37
N GLN E 7 16.11 -3.60 -10.57
CA GLN E 7 16.01 -4.60 -11.62
C GLN E 7 16.91 -5.79 -11.30
N ALA E 8 16.38 -7.00 -11.45
CA ALA E 8 17.22 -8.19 -11.45
C ALA E 8 17.63 -8.55 -12.88
N SER E 9 18.88 -8.99 -13.05
CA SER E 9 19.40 -9.42 -14.33
CA SER E 9 19.40 -9.42 -14.33
C SER E 9 20.24 -10.67 -14.14
N GLY E 10 20.62 -11.30 -15.26
CA GLY E 10 21.47 -12.47 -15.23
C GLY E 10 20.75 -13.79 -15.45
N GLY E 11 19.42 -13.79 -15.54
CA GLY E 11 18.69 -15.03 -15.74
C GLY E 11 18.85 -15.57 -17.15
N GLY E 12 18.35 -16.78 -17.34
CA GLY E 12 18.39 -17.41 -18.66
C GLY E 12 18.23 -18.92 -18.54
N PHE E 13 18.59 -19.59 -19.64
CA PHE E 13 18.56 -21.05 -19.70
C PHE E 13 19.89 -21.63 -19.23
N VAL E 14 19.81 -22.69 -18.42
CA VAL E 14 21.00 -23.34 -17.89
C VAL E 14 20.73 -24.83 -17.75
N GLN E 15 21.79 -25.66 -17.98
CA GLN E 15 21.67 -27.09 -17.79
C GLN E 15 21.93 -27.47 -16.33
N PRO E 16 21.36 -28.57 -15.84
CA PRO E 16 21.64 -28.98 -14.47
C PRO E 16 23.12 -29.17 -14.22
N GLY E 17 23.56 -28.79 -13.03
CA GLY E 17 24.95 -28.70 -12.71
C GLY E 17 25.56 -27.34 -12.95
N GLY E 18 24.97 -26.56 -13.85
CA GLY E 18 25.52 -25.26 -14.21
C GLY E 18 25.41 -24.24 -13.08
N SER E 19 26.00 -23.07 -13.35
CA SER E 19 25.98 -21.93 -12.44
C SER E 19 25.40 -20.71 -13.14
N LEU E 20 24.86 -19.80 -12.35
CA LEU E 20 24.46 -18.50 -12.86
C LEU E 20 24.80 -17.45 -11.82
N ARG E 21 25.07 -16.24 -12.27
CA ARG E 21 25.34 -15.11 -11.39
C ARG E 21 24.27 -14.06 -11.65
N LEU E 22 23.33 -13.93 -10.72
CA LEU E 22 22.30 -12.90 -10.82
C LEU E 22 22.79 -11.60 -10.21
N SER E 23 22.18 -10.49 -10.64
CA SER E 23 22.51 -9.15 -10.19
C SER E 23 21.25 -8.41 -9.77
N CYS E 24 21.44 -7.50 -8.83
CA CYS E 24 20.35 -6.80 -8.18
C CYS E 24 20.85 -5.39 -7.93
N ALA E 25 20.46 -4.46 -8.81
CA ALA E 25 21.08 -3.14 -8.91
C ALA E 25 20.21 -2.11 -8.19
N ALA E 26 20.64 -1.69 -7.00
CA ALA E 26 19.92 -0.65 -6.29
C ALA E 26 20.20 0.71 -6.91
N SER E 27 19.36 1.68 -6.58
CA SER E 27 19.66 3.05 -7.00
C SER E 27 20.67 3.63 -6.03
N GLY E 28 21.60 4.42 -6.56
CA GLY E 28 22.47 5.17 -5.68
C GLY E 28 21.82 6.36 -5.02
N THR E 29 20.53 6.59 -5.27
CA THR E 29 19.80 7.78 -4.84
C THR E 29 18.96 7.54 -3.59
N THR E 30 18.34 6.38 -3.45
CA THR E 30 17.41 6.09 -2.36
C THR E 30 17.74 4.74 -1.75
N SER E 31 17.54 4.63 -0.44
CA SER E 31 17.73 3.36 0.27
C SER E 31 16.50 3.03 1.10
N PHE E 32 16.05 1.78 1.00
CA PHE E 32 14.77 1.34 1.57
C PHE E 32 14.82 0.54 2.87
N GLY E 33 15.97 0.13 3.42
CA GLY E 33 17.37 0.19 3.16
C GLY E 33 18.47 -0.69 3.78
N ASP E 34 18.35 -1.34 4.97
CA ASP E 34 19.58 -2.01 5.44
C ASP E 34 19.72 -3.47 4.99
N THR E 35 18.71 -4.05 4.38
CA THR E 35 18.73 -5.44 4.01
C THR E 35 18.29 -5.61 2.57
N MET E 36 19.03 -6.44 1.84
CA MET E 36 18.67 -6.82 0.48
C MET E 36 18.53 -8.33 0.44
N GLY E 37 17.40 -8.80 -0.08
CA GLY E 37 17.13 -10.22 -0.13
C GLY E 37 16.71 -10.67 -1.51
N TRP E 38 17.03 -11.92 -1.81
CA TRP E 38 16.59 -12.59 -3.02
C TRP E 38 15.44 -13.53 -2.69
N PHE E 39 14.38 -13.47 -3.50
CA PHE E 39 13.26 -14.39 -3.41
C PHE E 39 13.09 -15.05 -4.77
N ARG E 40 12.37 -16.17 -4.81
CA ARG E 40 12.09 -16.76 -6.10
C ARG E 40 10.66 -17.29 -6.11
N GLN E 41 10.09 -17.31 -7.32
CA GLN E 41 8.71 -17.73 -7.50
C GLN E 41 8.61 -18.52 -8.79
N ALA E 42 8.16 -19.76 -8.67
CA ALA E 42 7.93 -20.67 -9.77
C ALA E 42 6.43 -20.82 -10.01
N PRO E 43 6.02 -21.10 -11.24
CA PRO E 43 4.58 -21.23 -11.51
C PRO E 43 3.94 -22.29 -10.61
N GLY E 44 2.82 -21.92 -10.00
CA GLY E 44 2.07 -22.83 -9.16
C GLY E 44 2.67 -23.12 -7.80
N LYS E 45 3.78 -22.47 -7.44
CA LYS E 45 4.38 -22.65 -6.14
C LYS E 45 4.25 -21.36 -5.33
N GLU E 46 4.56 -21.45 -4.05
CA GLU E 46 4.56 -20.26 -3.21
C GLU E 46 5.90 -19.55 -3.33
N ARG E 47 5.88 -18.24 -3.13
CA ARG E 47 7.13 -17.49 -3.09
C ARG E 47 8.05 -18.11 -2.06
N GLU E 48 9.33 -18.20 -2.40
CA GLU E 48 10.33 -18.81 -1.53
C GLU E 48 11.47 -17.82 -1.29
N PHE E 49 11.78 -17.53 -0.03
CA PHE E 49 12.97 -16.74 0.28
C PHE E 49 14.21 -17.56 -0.04
N VAL E 50 15.21 -16.91 -0.63
CA VAL E 50 16.46 -17.56 -1.05
C VAL E 50 17.63 -17.17 -0.15
N SER E 51 17.91 -15.87 -0.04
CA SER E 51 19.14 -15.39 0.59
C SER E 51 19.04 -13.89 0.84
N ALA E 52 19.80 -13.41 1.82
CA ALA E 52 19.80 -11.98 2.10
C ALA E 52 21.15 -11.56 2.66
N ILE E 53 21.46 -10.28 2.47
CA ILE E 53 22.61 -9.63 3.06
C ILE E 53 22.12 -8.39 3.81
N SER E 54 22.58 -8.22 5.04
CA SER E 54 22.07 -7.20 5.95
C SER E 54 23.23 -6.52 6.64
N ARG E 55 23.28 -5.20 6.55
CA ARG E 55 24.34 -4.40 7.16
C ARG E 55 24.01 -4.16 8.62
N GLN E 56 24.68 -4.86 9.51
CA GLN E 56 24.47 -4.69 10.95
C GLN E 56 25.74 -4.18 11.62
N ASP E 58 28.61 -4.35 9.91
CA ASP E 58 29.21 -5.57 9.40
C ASP E 58 28.18 -6.43 8.67
N ASP E 59 28.59 -7.04 7.56
CA ASP E 59 27.67 -7.73 6.65
C ASP E 59 27.28 -9.10 7.19
N SER E 60 25.98 -9.36 7.34
CA SER E 60 25.46 -10.67 7.70
C SER E 60 24.81 -11.32 6.49
N HIS E 61 25.10 -12.60 6.27
CA HIS E 61 24.60 -13.35 5.12
C HIS E 61 23.63 -14.43 5.58
N TYR E 62 22.48 -14.53 4.93
CA TYR E 62 21.45 -15.49 5.28
C TYR E 62 21.12 -16.34 4.06
N TYR E 63 20.82 -17.62 4.32
CA TYR E 63 20.50 -18.57 3.26
C TYR E 63 19.37 -19.48 3.69
N ALA E 64 18.43 -19.71 2.77
CA ALA E 64 17.45 -20.76 2.97
C ALA E 64 18.16 -22.11 3.05
N ASP E 65 17.59 -23.02 3.85
CA ASP E 65 18.13 -24.38 3.91
C ASP E 65 18.19 -25.03 2.53
N SER E 66 17.26 -24.70 1.64
CA SER E 66 17.21 -25.36 0.34
C SER E 66 18.33 -24.92 -0.59
N VAL E 67 19.08 -23.87 -0.28
CA VAL E 67 20.12 -23.39 -1.19
C VAL E 67 21.47 -23.27 -0.48
N LYS E 68 21.46 -23.46 0.84
CA LYS E 68 22.69 -23.34 1.62
C LYS E 68 23.81 -24.19 1.05
N GLY E 69 25.02 -23.61 1.00
CA GLY E 69 26.18 -24.29 0.45
C GLY E 69 26.30 -24.23 -1.07
N ARG E 70 25.19 -24.05 -1.78
CA ARG E 70 25.20 -23.93 -3.25
C ARG E 70 25.17 -22.49 -3.72
N PHE E 71 24.53 -21.58 -2.98
CA PHE E 71 24.38 -20.18 -3.35
C PHE E 71 25.26 -19.30 -2.46
N THR E 72 25.75 -18.21 -3.04
CA THR E 72 26.54 -17.20 -2.35
C THR E 72 25.95 -15.82 -2.67
N ILE E 73 25.65 -15.04 -1.63
CA ILE E 73 25.23 -13.66 -1.84
C ILE E 73 26.39 -12.74 -1.51
N SER E 74 26.49 -11.62 -2.23
CA SER E 74 27.59 -10.69 -2.03
C SER E 74 27.19 -9.32 -2.58
N ARG E 75 27.99 -8.31 -2.23
CA ARG E 75 27.71 -6.94 -2.66
C ARG E 75 28.97 -6.30 -3.21
N ASP E 76 28.79 -5.38 -4.16
CA ASP E 76 29.92 -4.65 -4.69
C ASP E 76 30.08 -3.25 -4.11
N ASN E 77 28.99 -2.66 -3.59
CA ASN E 77 29.03 -1.35 -2.93
C ASN E 77 29.33 -0.25 -3.95
N SER E 78 30.50 -0.31 -4.59
CA SER E 78 30.89 0.68 -5.57
C SER E 78 29.89 0.80 -6.72
N LYS E 79 29.10 -0.24 -6.93
CA LYS E 79 28.08 -0.25 -7.98
C LYS E 79 26.66 -0.37 -7.43
N ASN E 80 26.49 -0.23 -6.11
CA ASN E 80 25.19 -0.38 -5.45
C ASN E 80 24.45 -1.63 -5.95
N THR E 81 25.18 -2.73 -6.07
CA THR E 81 24.61 -3.96 -6.60
C THR E 81 24.85 -5.12 -5.64
N VAL E 82 23.83 -5.98 -5.53
CA VAL E 82 23.89 -7.21 -4.76
C VAL E 82 23.87 -8.36 -5.76
N TYR E 83 24.78 -9.32 -5.60
CA TYR E 83 24.89 -10.46 -6.50
C TYR E 83 24.43 -11.74 -5.82
N LEU E 84 23.85 -12.66 -6.59
CA LEU E 84 23.55 -14.00 -6.11
C LEU E 84 24.17 -14.99 -7.08
N GLN E 85 25.22 -15.67 -6.65
CA GLN E 85 25.78 -16.73 -7.47
C GLN E 85 25.09 -18.02 -7.09
N MET E 86 24.62 -18.75 -8.09
CA MET E 86 23.88 -19.99 -7.87
C MET E 86 24.64 -21.10 -8.55
N ASN E 87 25.13 -22.06 -7.76
CA ASN E 87 25.94 -23.15 -8.27
C ASN E 87 25.16 -24.46 -8.18
N SER E 88 25.64 -25.45 -8.95
CA SER E 88 25.07 -26.79 -8.98
C SER E 88 23.55 -26.72 -9.07
N LEU E 89 23.08 -25.94 -10.05
CA LEU E 89 21.66 -25.71 -10.21
C LEU E 89 20.93 -27.01 -10.54
N ARG E 90 19.66 -27.07 -10.11
CA ARG E 90 18.85 -28.27 -10.23
C ARG E 90 17.52 -27.87 -10.84
N ALA E 91 16.82 -28.85 -11.42
CA ALA E 91 15.53 -28.57 -12.06
C ALA E 91 14.61 -27.79 -11.14
N GLU E 92 14.60 -28.11 -9.84
CA GLU E 92 13.70 -27.45 -8.90
C GLU E 92 14.08 -26.00 -8.58
N ASP E 93 15.24 -25.52 -9.04
CA ASP E 93 15.59 -24.11 -8.89
C ASP E 93 14.97 -23.22 -9.97
N THR E 94 14.28 -23.81 -10.95
CA THR E 94 13.61 -23.01 -11.98
C THR E 94 12.57 -22.10 -11.32
N ALA E 95 12.59 -20.82 -11.69
CA ALA E 95 11.71 -19.81 -11.09
C ALA E 95 12.11 -18.45 -11.65
N THR E 96 11.23 -17.48 -11.42
CA THR E 96 11.60 -16.08 -11.52
C THR E 96 12.26 -15.67 -10.21
N TYR E 97 13.41 -15.02 -10.29
CA TYR E 97 14.13 -14.55 -9.12
C TYR E 97 14.02 -13.04 -9.06
N TYR E 98 13.75 -12.50 -7.87
CA TYR E 98 13.67 -11.06 -7.74
C TYR E 98 14.20 -10.63 -6.38
N CYS E 99 14.55 -9.36 -6.29
CA CYS E 99 15.06 -8.77 -5.07
C CYS E 99 14.00 -7.95 -4.36
N ALA E 100 14.22 -7.75 -3.06
CA ALA E 100 13.56 -6.69 -2.32
C ALA E 100 14.59 -6.04 -1.40
N GLU E 101 14.38 -4.76 -1.12
CA GLU E 101 15.10 -4.06 -0.07
C GLU E 101 14.13 -3.79 1.08
N TRP E 102 14.61 -3.93 2.31
CA TRP E 102 13.78 -3.62 3.46
C TRP E 102 14.65 -3.29 4.65
N MET E 103 14.03 -2.71 5.66
CA MET E 103 14.69 -2.48 6.93
C MET E 103 14.43 -3.69 7.83
N ASN E 104 15.50 -4.36 8.22
CA ASN E 104 15.38 -5.56 9.05
C ASN E 104 14.65 -5.19 10.34
N THR E 105 13.50 -5.82 10.59
CA THR E 105 12.68 -5.47 11.75
C THR E 105 12.98 -6.33 12.98
N ARG E 106 13.55 -7.52 12.79
CA ARG E 106 13.69 -8.50 13.86
C ARG E 106 12.35 -8.79 14.53
N ARG E 107 11.27 -8.66 13.77
CA ARG E 107 9.90 -8.83 14.23
C ARG E 107 9.12 -9.75 13.29
N GLU E 108 7.80 -9.85 13.46
CA GLU E 108 7.06 -10.87 12.73
C GLU E 108 7.02 -10.56 11.24
N PHE E 109 6.82 -9.30 10.87
CA PHE E 109 6.71 -8.90 9.47
C PHE E 109 7.79 -7.87 9.13
N ILE E 110 8.04 -7.73 7.82
CA ILE E 110 8.88 -6.69 7.23
C ILE E 110 8.05 -5.97 6.19
N THR E 111 8.51 -4.76 5.80
CA THR E 111 7.90 -4.07 4.67
C THR E 111 8.84 -4.17 3.48
N PRO E 112 8.62 -5.08 2.52
CA PRO E 112 9.55 -5.17 1.40
C PRO E 112 9.26 -4.13 0.35
N TYR E 113 10.31 -3.67 -0.32
CA TYR E 113 10.20 -2.84 -1.51
C TYR E 113 10.76 -3.66 -2.65
N TRP E 114 9.90 -4.02 -3.60
CA TRP E 114 10.14 -5.09 -4.56
C TRP E 114 10.76 -4.58 -5.85
N GLY E 115 11.71 -5.36 -6.39
CA GLY E 115 12.21 -5.15 -7.74
C GLY E 115 11.54 -6.09 -8.73
N GLN E 116 11.92 -5.95 -9.99
CA GLN E 116 11.37 -6.82 -11.03
C GLN E 116 12.26 -8.05 -11.23
N GLY E 117 11.67 -9.11 -11.79
CA GLY E 117 12.30 -10.41 -11.77
C GLY E 117 13.12 -10.73 -13.01
N THR E 118 13.97 -11.74 -12.87
CA THR E 118 14.66 -12.32 -14.01
C THR E 118 14.41 -13.82 -13.97
N GLN E 119 14.23 -14.41 -15.15
CA GLN E 119 13.79 -15.79 -15.28
C GLN E 119 14.97 -16.75 -15.34
N VAL E 120 14.90 -17.82 -14.54
CA VAL E 120 15.93 -18.86 -14.49
C VAL E 120 15.27 -20.20 -14.79
N THR E 121 15.68 -20.84 -15.88
CA THR E 121 15.11 -22.13 -16.31
C THR E 121 16.24 -23.15 -16.37
N VAL E 122 16.22 -24.11 -15.44
CA VAL E 122 17.16 -25.22 -15.42
C VAL E 122 16.49 -26.37 -16.18
N SER E 123 17.04 -26.73 -17.34
CA SER E 123 16.44 -27.75 -18.19
C SER E 123 17.51 -28.40 -19.06
N SER E 124 17.09 -29.41 -19.83
CA SER E 124 17.98 -30.10 -20.76
C SER E 124 17.57 -29.88 -22.22
N GLY F 1 5.96 -2.25 -0.56
CA GLY F 1 4.88 -3.20 -0.78
C GLY F 1 4.19 -3.55 0.52
N LYS F 2 3.14 -4.38 0.42
CA LYS F 2 2.43 -4.81 1.61
C LYS F 2 3.36 -5.64 2.50
N PRO F 3 3.13 -5.66 3.82
CA PRO F 3 4.00 -6.44 4.70
C PRO F 3 3.93 -7.94 4.42
N ILE F 4 5.05 -8.61 4.62
CA ILE F 4 5.14 -10.07 4.49
C ILE F 4 5.87 -10.62 5.70
N PRO F 5 5.77 -11.93 5.95
CA PRO F 5 6.52 -12.52 7.06
C PRO F 5 8.01 -12.23 6.93
N ASN F 6 8.64 -11.94 8.06
CA ASN F 6 10.07 -11.68 8.14
C ASN F 6 10.84 -12.94 7.78
N PRO F 7 11.52 -13.00 6.63
CA PRO F 7 12.15 -14.26 6.20
C PRO F 7 13.43 -14.58 6.93
N LEU F 8 13.94 -13.66 7.76
CA LEU F 8 15.19 -13.91 8.47
C LEU F 8 14.98 -14.63 9.80
N LEU F 9 13.75 -14.75 10.28
CA LEU F 9 13.50 -15.42 11.56
C LEU F 9 13.87 -16.89 11.49
N GLY F 10 14.57 -17.36 12.52
CA GLY F 10 14.96 -18.74 12.61
C GLY F 10 16.14 -19.10 11.74
N LEU F 11 16.72 -18.16 11.01
CA LEU F 11 17.88 -18.42 10.18
C LEU F 11 19.13 -17.95 10.89
N ASP F 12 20.18 -18.76 10.80
CA ASP F 12 21.50 -18.34 11.23
C ASP F 12 22.12 -17.41 10.18
N SER F 13 23.01 -16.54 10.66
CA SER F 13 23.73 -15.63 9.79
C SER F 13 25.18 -16.07 9.68
N THR F 14 25.82 -15.62 8.60
CA THR F 14 27.19 -15.97 8.32
C THR F 14 27.91 -14.73 7.78
N VAL G 4 7.56 -30.01 -19.06
CA VAL G 4 6.54 -29.38 -19.89
C VAL G 4 7.13 -28.21 -20.67
N GLN G 5 7.29 -28.41 -21.97
CA GLN G 5 7.88 -27.39 -22.85
C GLN G 5 6.77 -26.45 -23.31
N LEU G 6 6.62 -25.34 -22.59
CA LEU G 6 5.54 -24.39 -22.83
C LEU G 6 6.08 -22.98 -22.59
N GLN G 7 7.05 -22.58 -23.41
CA GLN G 7 7.79 -21.36 -23.16
C GLN G 7 6.94 -20.14 -23.53
N ALA G 8 6.87 -19.19 -22.61
CA ALA G 8 6.25 -17.89 -22.89
C ALA G 8 7.32 -16.89 -23.32
N SER G 9 6.95 -16.05 -24.29
CA SER G 9 7.86 -15.02 -24.77
C SER G 9 7.07 -13.77 -25.14
N GLY G 10 7.79 -12.71 -25.49
CA GLY G 10 7.19 -11.45 -25.85
C GLY G 10 7.21 -10.39 -24.76
N GLY G 11 7.72 -10.72 -23.58
CA GLY G 11 7.77 -9.76 -22.49
C GLY G 11 8.89 -8.75 -22.65
N GLY G 12 8.81 -7.70 -21.83
CA GLY G 12 9.82 -6.65 -21.88
C GLY G 12 9.36 -5.44 -21.11
N PHE G 13 10.07 -4.33 -21.34
CA PHE G 13 9.72 -3.03 -20.80
C PHE G 13 8.70 -2.35 -21.71
N VAL G 14 7.67 -1.75 -21.10
CA VAL G 14 6.69 -0.99 -21.87
C VAL G 14 6.20 0.21 -21.05
N GLN G 15 5.82 1.32 -21.77
CA GLN G 15 5.27 2.50 -21.12
C GLN G 15 3.76 2.36 -20.94
N PRO G 16 3.19 3.00 -19.92
CA PRO G 16 1.73 2.97 -19.76
C PRO G 16 1.02 3.39 -21.04
N GLY G 17 -0.07 2.70 -21.35
CA GLY G 17 -0.78 2.89 -22.58
C GLY G 17 -0.31 2.01 -23.71
N GLY G 18 0.91 1.47 -23.63
CA GLY G 18 1.43 0.63 -24.68
C GLY G 18 0.77 -0.73 -24.74
N SER G 19 1.13 -1.48 -25.79
CA SER G 19 0.64 -2.84 -25.98
C SER G 19 1.82 -3.81 -26.05
N LEU G 20 1.52 -5.06 -25.74
CA LEU G 20 2.46 -6.16 -25.90
C LEU G 20 1.68 -7.35 -26.44
N ARG G 21 2.37 -8.20 -27.18
CA ARG G 21 1.79 -9.44 -27.67
C ARG G 21 2.64 -10.58 -27.12
N LEU G 22 2.11 -11.32 -26.16
CA LEU G 22 2.80 -12.49 -25.64
C LEU G 22 2.41 -13.74 -26.44
N SER G 23 3.23 -14.78 -26.33
CA SER G 23 2.88 -16.06 -26.92
C SER G 23 3.40 -17.19 -26.03
N CYS G 24 2.69 -18.31 -26.04
CA CYS G 24 3.28 -19.52 -25.50
C CYS G 24 3.04 -20.65 -26.49
N ALA G 25 4.14 -21.28 -26.90
CA ALA G 25 4.15 -22.25 -27.97
C ALA G 25 3.97 -23.63 -27.35
N ALA G 26 2.90 -24.32 -27.75
CA ALA G 26 2.61 -25.65 -27.23
C ALA G 26 3.63 -26.64 -27.78
N SER G 27 3.42 -27.92 -27.51
CA SER G 27 4.37 -28.94 -27.92
C SER G 27 4.24 -29.28 -29.41
N GLY G 28 3.03 -29.43 -29.91
CA GLY G 28 2.83 -30.06 -31.19
C GLY G 28 3.04 -31.56 -31.18
N THR G 29 3.72 -32.08 -30.15
CA THR G 29 3.95 -33.51 -29.95
C THR G 29 3.07 -34.10 -28.84
N THR G 30 2.78 -33.32 -27.82
CA THR G 30 2.01 -33.75 -26.65
C THR G 30 0.95 -32.70 -26.34
N SER G 31 -0.21 -33.15 -25.83
CA SER G 31 -1.29 -32.26 -25.41
C SER G 31 -1.78 -32.63 -24.01
N PHE G 32 -1.93 -31.62 -23.15
CA PHE G 32 -2.11 -31.81 -21.71
C PHE G 32 -3.52 -31.55 -21.13
N GLY G 33 -4.53 -31.08 -21.88
CA GLY G 33 -4.88 -30.86 -23.26
C GLY G 33 -5.87 -29.84 -23.81
N ASP G 34 -7.14 -29.73 -23.37
CA ASP G 34 -8.10 -28.94 -24.18
C ASP G 34 -8.14 -27.45 -23.85
N THR G 35 -7.46 -27.00 -22.79
CA THR G 35 -7.52 -25.60 -22.41
C THR G 35 -6.11 -25.04 -22.22
N MET G 36 -5.90 -23.83 -22.71
CA MET G 36 -4.68 -23.07 -22.47
C MET G 36 -5.03 -21.76 -21.79
N GLY G 37 -4.34 -21.45 -20.70
CA GLY G 37 -4.61 -20.24 -19.95
C GLY G 37 -3.34 -19.47 -19.64
N TRP G 38 -3.50 -18.16 -19.51
CA TRP G 38 -2.44 -17.27 -19.07
C TRP G 38 -2.69 -16.88 -17.63
N PHE G 39 -1.63 -16.89 -16.83
CA PHE G 39 -1.62 -16.43 -15.46
C PHE G 39 -0.53 -15.39 -15.33
N ARG G 40 -0.56 -14.63 -14.24
CA ARG G 40 0.54 -13.71 -13.98
C ARG G 40 0.84 -13.68 -12.49
N GLN G 41 2.11 -13.47 -12.15
CA GLN G 41 2.51 -13.24 -10.77
C GLN G 41 3.52 -12.11 -10.67
N ALA G 42 3.22 -11.17 -9.86
CA ALA G 42 4.01 -10.02 -9.47
C ALA G 42 4.63 -10.27 -8.11
N PRO G 43 5.81 -9.71 -7.84
CA PRO G 43 6.44 -9.91 -6.53
C PRO G 43 5.52 -9.46 -5.41
N GLY G 44 5.38 -10.32 -4.40
CA GLY G 44 4.54 -10.00 -3.26
C GLY G 44 3.05 -10.04 -3.50
N LYS G 45 2.59 -10.56 -4.63
CA LYS G 45 1.17 -10.69 -4.88
C LYS G 45 0.85 -12.16 -5.12
N GLU G 46 -0.44 -12.51 -5.05
CA GLU G 46 -0.85 -13.86 -5.39
C GLU G 46 -0.95 -14.02 -6.89
N ARG G 47 -0.71 -15.24 -7.36
CA ARG G 47 -0.92 -15.55 -8.77
C ARG G 47 -2.34 -15.15 -9.17
N GLU G 48 -2.48 -14.56 -10.35
CA GLU G 48 -3.76 -14.09 -10.86
C GLU G 48 -3.99 -14.72 -12.23
N PHE G 49 -5.12 -15.41 -12.38
CA PHE G 49 -5.54 -15.86 -13.71
C PHE G 49 -5.84 -14.66 -14.58
N VAL G 50 -5.42 -14.73 -15.85
CA VAL G 50 -5.61 -13.64 -16.83
C VAL G 50 -6.69 -13.98 -17.85
N SER G 51 -6.52 -15.10 -18.57
CA SER G 51 -7.32 -15.40 -19.74
C SER G 51 -7.10 -16.85 -20.14
N ALA G 52 -8.08 -17.44 -20.82
CA ALA G 52 -7.93 -18.82 -21.28
C ALA G 52 -8.71 -19.00 -22.57
N ILE G 53 -8.28 -19.99 -23.35
CA ILE G 53 -8.97 -20.42 -24.55
C ILE G 53 -9.17 -21.93 -24.45
N SER G 54 -10.39 -22.37 -24.63
CA SER G 54 -10.79 -23.75 -24.42
C SER G 54 -11.52 -24.26 -25.65
N ARG G 55 -11.22 -25.49 -26.02
CA ARG G 55 -11.77 -26.10 -27.22
C ARG G 55 -12.94 -27.02 -26.88
N ASP G 58 -15.47 -25.77 -30.94
CA ASP G 58 -15.54 -24.32 -31.01
C ASP G 58 -14.77 -23.67 -29.85
N ASP G 59 -14.10 -22.55 -30.14
CA ASP G 59 -13.17 -21.91 -29.22
C ASP G 59 -13.92 -21.00 -28.25
N SER G 60 -13.79 -21.28 -26.94
CA SER G 60 -14.34 -20.41 -25.89
C SER G 60 -13.21 -19.57 -25.29
N HIS G 61 -13.45 -18.26 -25.16
CA HIS G 61 -12.47 -17.32 -24.62
C HIS G 61 -12.93 -16.82 -23.26
N TYR G 62 -12.03 -16.85 -22.27
CA TYR G 62 -12.30 -16.42 -20.91
C TYR G 62 -11.34 -15.31 -20.52
N TYR G 63 -11.86 -14.31 -19.78
CA TYR G 63 -11.03 -13.22 -19.30
C TYR G 63 -11.34 -12.90 -17.85
N ALA G 64 -10.29 -12.61 -17.07
CA ALA G 64 -10.50 -12.07 -15.74
C ALA G 64 -11.13 -10.69 -15.88
N ASP G 65 -11.92 -10.30 -14.87
CA ASP G 65 -12.55 -8.98 -14.91
C ASP G 65 -11.50 -7.86 -14.99
N SER G 66 -10.32 -8.08 -14.39
CA SER G 66 -9.30 -7.04 -14.36
C SER G 66 -8.67 -6.76 -15.72
N VAL G 67 -8.95 -7.59 -16.73
CA VAL G 67 -8.33 -7.43 -18.04
C VAL G 67 -9.35 -7.45 -19.18
N LYS G 68 -10.62 -7.76 -18.88
CA LYS G 68 -11.64 -7.79 -19.92
C LYS G 68 -11.67 -6.47 -20.70
N GLY G 69 -11.82 -6.57 -22.02
CA GLY G 69 -11.84 -5.42 -22.89
C GLY G 69 -10.47 -4.90 -23.29
N ARG G 70 -9.45 -5.14 -22.48
CA ARG G 70 -8.09 -4.70 -22.80
C ARG G 70 -7.23 -5.80 -23.41
N PHE G 71 -7.46 -7.06 -23.05
CA PHE G 71 -6.67 -8.20 -23.49
C PHE G 71 -7.48 -9.07 -24.44
N THR G 72 -6.79 -9.73 -25.36
CA THR G 72 -7.39 -10.65 -26.31
C THR G 72 -6.55 -11.92 -26.34
N ILE G 73 -7.19 -13.07 -26.21
CA ILE G 73 -6.48 -14.33 -26.37
C ILE G 73 -6.87 -14.93 -27.72
N SER G 74 -5.92 -15.63 -28.35
CA SER G 74 -6.17 -16.21 -29.67
C SER G 74 -5.15 -17.32 -29.90
N ARG G 75 -5.42 -18.13 -30.93
CA ARG G 75 -4.56 -19.25 -31.28
C ARG G 75 -4.21 -19.19 -32.76
N ASP G 76 -2.99 -19.64 -33.08
CA ASP G 76 -2.61 -19.76 -34.48
C ASP G 76 -2.83 -21.15 -35.04
N ASN G 77 -2.77 -22.19 -34.20
CA ASN G 77 -3.06 -23.56 -34.57
C ASN G 77 -1.94 -24.13 -35.45
N SER G 78 -1.74 -23.54 -36.63
CA SER G 78 -0.69 -23.98 -37.55
C SER G 78 0.67 -24.01 -36.88
N LYS G 79 0.90 -23.12 -35.91
CA LYS G 79 2.16 -23.06 -35.17
C LYS G 79 2.00 -23.53 -33.72
N ASN G 80 0.89 -24.19 -33.37
CA ASN G 80 0.68 -24.70 -32.01
C ASN G 80 0.96 -23.64 -30.95
N THR G 81 0.49 -22.42 -31.19
CA THR G 81 0.81 -21.31 -30.31
C THR G 81 -0.46 -20.56 -29.90
N VAL G 82 -0.49 -20.14 -28.64
CA VAL G 82 -1.55 -19.30 -28.10
C VAL G 82 -0.95 -17.92 -27.83
N TYR G 83 -1.64 -16.86 -28.24
CA TYR G 83 -1.19 -15.49 -28.08
C TYR G 83 -2.03 -14.74 -27.06
N LEU G 84 -1.41 -13.81 -26.34
CA LEU G 84 -2.13 -12.89 -25.47
C LEU G 84 -1.71 -11.47 -25.85
N GLN G 85 -2.61 -10.75 -26.51
CA GLN G 85 -2.34 -9.34 -26.79
C GLN G 85 -2.87 -8.54 -25.60
N MET G 86 -2.01 -7.70 -25.03
CA MET G 86 -2.38 -6.85 -23.90
C MET G 86 -2.30 -5.40 -24.35
N ASN G 87 -3.41 -4.68 -24.24
CA ASN G 87 -3.49 -3.30 -24.68
C ASN G 87 -3.72 -2.40 -23.48
N SER G 88 -3.44 -1.11 -23.70
CA SER G 88 -3.60 -0.06 -22.70
C SER G 88 -3.07 -0.52 -21.35
N LEU G 89 -1.82 -0.95 -21.37
CA LEU G 89 -1.18 -1.51 -20.20
C LEU G 89 -1.01 -0.45 -19.11
N ARG G 90 -1.07 -0.91 -17.85
CA ARG G 90 -1.00 -0.02 -16.70
C ARG G 90 0.03 -0.58 -15.73
N ALA G 91 0.52 0.29 -14.84
CA ALA G 91 1.55 -0.11 -13.88
C ALA G 91 1.17 -1.40 -13.16
N GLU G 92 -0.11 -1.56 -12.81
CA GLU G 92 -0.57 -2.74 -12.08
C GLU G 92 -0.48 -4.04 -12.90
N ASP G 93 -0.21 -3.97 -14.20
CA ASP G 93 -0.06 -5.17 -15.02
C ASP G 93 1.35 -5.75 -15.00
N THR G 94 2.30 -5.05 -14.37
CA THR G 94 3.66 -5.57 -14.22
C THR G 94 3.63 -6.91 -13.49
N ALA G 95 4.31 -7.91 -14.06
CA ALA G 95 4.31 -9.26 -13.51
C ALA G 95 5.09 -10.17 -14.44
N THR G 96 5.40 -11.37 -13.94
CA THR G 96 5.78 -12.47 -14.81
C THR G 96 4.49 -13.13 -15.34
N TYR G 97 4.45 -13.38 -16.65
CA TYR G 97 3.30 -13.99 -17.29
C TYR G 97 3.70 -15.38 -17.75
N TYR G 98 2.85 -16.37 -17.51
CA TYR G 98 3.14 -17.72 -17.95
C TYR G 98 1.87 -18.46 -18.32
N CYS G 99 2.03 -19.49 -19.15
CA CYS G 99 0.90 -20.30 -19.54
C CYS G 99 0.82 -21.60 -18.75
N ALA G 100 -0.37 -22.18 -18.76
CA ALA G 100 -0.59 -23.56 -18.34
C ALA G 100 -1.55 -24.21 -19.32
N GLU G 101 -1.35 -25.51 -19.57
CA GLU G 101 -2.30 -26.30 -20.34
C GLU G 101 -2.98 -27.28 -19.39
N TRP G 102 -4.29 -27.47 -19.54
CA TRP G 102 -4.98 -28.42 -18.67
C TRP G 102 -6.25 -28.92 -19.37
N MET G 103 -6.82 -29.97 -18.80
CA MET G 103 -8.12 -30.50 -19.22
C MET G 103 -9.17 -29.79 -18.41
N ASN G 104 -10.02 -29.02 -19.08
CA ASN G 104 -11.09 -28.31 -18.37
C ASN G 104 -11.94 -29.31 -17.60
N THR G 105 -12.03 -29.14 -16.26
CA THR G 105 -12.74 -30.11 -15.42
C THR G 105 -14.18 -29.73 -15.14
N ARG G 106 -14.54 -28.46 -15.28
CA ARG G 106 -15.85 -27.97 -14.85
CA ARG G 106 -15.84 -27.95 -14.85
C ARG G 106 -16.12 -28.34 -13.39
N ARG G 107 -15.04 -28.49 -12.62
CA ARG G 107 -15.10 -28.89 -11.21
C ARG G 107 -14.26 -27.94 -10.36
N GLU G 108 -14.09 -28.27 -9.08
CA GLU G 108 -13.45 -27.39 -8.13
C GLU G 108 -12.01 -27.10 -8.52
N PHE G 109 -11.24 -28.14 -8.85
CA PHE G 109 -9.82 -27.99 -9.20
C PHE G 109 -9.55 -28.45 -10.63
N ILE G 110 -8.40 -28.00 -11.15
CA ILE G 110 -7.81 -28.44 -12.41
C ILE G 110 -6.41 -28.94 -12.10
N THR G 111 -5.86 -29.73 -13.03
CA THR G 111 -4.45 -30.09 -12.94
C THR G 111 -3.68 -29.30 -13.99
N PRO G 112 -2.98 -28.23 -13.61
CA PRO G 112 -2.26 -27.44 -14.60
C PRO G 112 -0.92 -28.08 -14.93
N TYR G 113 -0.50 -27.90 -16.17
CA TYR G 113 0.85 -28.25 -16.61
C TYR G 113 1.50 -26.94 -17.05
N TRP G 114 2.54 -26.52 -16.33
CA TRP G 114 3.02 -25.15 -16.34
C TRP G 114 4.14 -24.94 -17.34
N GLY G 115 4.10 -23.79 -18.02
CA GLY G 115 5.23 -23.33 -18.80
C GLY G 115 6.10 -22.35 -18.02
N GLN G 116 7.16 -21.88 -18.68
CA GLN G 116 8.06 -20.90 -18.07
C GLN G 116 7.60 -19.48 -18.41
N GLY G 117 7.98 -18.53 -17.55
CA GLY G 117 7.40 -17.21 -17.60
C GLY G 117 8.19 -16.24 -18.46
N THR G 118 7.52 -15.15 -18.85
CA THR G 118 8.17 -14.01 -19.46
C THR G 118 7.80 -12.77 -18.68
N GLN G 119 8.77 -11.86 -18.53
CA GLN G 119 8.62 -10.71 -17.63
C GLN G 119 8.07 -9.50 -18.37
N VAL G 120 7.04 -8.87 -17.79
CA VAL G 120 6.41 -7.67 -18.31
C VAL G 120 6.51 -6.56 -17.26
N THR G 121 7.18 -5.47 -17.60
CA THR G 121 7.35 -4.34 -16.68
C THR G 121 6.79 -3.09 -17.34
N VAL G 122 5.71 -2.56 -16.78
CA VAL G 122 5.06 -1.34 -17.27
C VAL G 122 5.58 -0.20 -16.40
N SER G 123 6.33 0.72 -16.99
CA SER G 123 6.90 1.81 -16.20
C SER G 123 7.33 2.94 -17.14
N SER G 124 7.85 4.00 -16.53
CA SER G 124 8.46 5.10 -17.28
C SER G 124 9.98 5.05 -17.17
N GLY H 1 1.45 -30.23 -12.76
CA GLY H 1 1.68 -29.63 -11.45
C GLY H 1 0.61 -30.05 -10.47
N LYS H 2 0.74 -29.61 -9.23
CA LYS H 2 -0.26 -29.90 -8.22
C LYS H 2 -1.60 -29.23 -8.58
N PRO H 3 -2.72 -29.77 -8.11
CA PRO H 3 -4.02 -29.15 -8.45
C PRO H 3 -4.13 -27.73 -7.91
N ILE H 4 -4.81 -26.89 -8.68
CA ILE H 4 -5.12 -25.51 -8.25
C ILE H 4 -6.59 -25.28 -8.49
N PRO H 5 -7.18 -24.29 -7.81
CA PRO H 5 -8.58 -23.94 -8.08
C PRO H 5 -8.82 -23.69 -9.57
N ASN H 6 -9.95 -24.20 -10.07
CA ASN H 6 -10.39 -24.02 -11.44
C ASN H 6 -10.67 -22.55 -11.73
N PRO H 7 -9.86 -21.89 -12.56
CA PRO H 7 -10.02 -20.44 -12.74
C PRO H 7 -11.18 -20.06 -13.64
N LEU H 8 -11.81 -21.02 -14.33
CA LEU H 8 -12.90 -20.70 -15.22
C LEU H 8 -14.25 -20.62 -14.52
N LEU H 9 -14.36 -21.07 -13.27
CA LEU H 9 -15.63 -21.01 -12.56
C LEU H 9 -16.09 -19.56 -12.37
N GLY H 10 -17.37 -19.32 -12.64
CA GLY H 10 -17.96 -18.01 -12.49
C GLY H 10 -17.65 -17.05 -13.61
N LEU H 11 -16.88 -17.46 -14.62
CA LEU H 11 -16.53 -16.61 -15.73
C LEU H 11 -17.41 -16.93 -16.93
N ASP H 12 -17.86 -15.88 -17.62
CA ASP H 12 -18.52 -16.07 -18.90
C ASP H 12 -17.47 -16.30 -19.98
N SER H 13 -17.88 -16.99 -21.03
CA SER H 13 -17.04 -17.17 -22.20
C SER H 13 -17.65 -16.45 -23.39
N THR H 14 -16.81 -16.07 -24.33
CA THR H 14 -17.28 -15.52 -25.60
C THR H 14 -16.62 -16.27 -26.75
#